data_9O45
#
_entry.id   9O45
#
_cell.length_a   85.002
_cell.length_b   88.525
_cell.length_c   105.076
_cell.angle_alpha   90.000
_cell.angle_beta   90.000
_cell.angle_gamma   90.000
#
_symmetry.space_group_name_H-M   'P 21 21 21'
#
loop_
_entity.id
_entity.type
_entity.pdbx_description
1 polymer 'Pregnane X receptor ligand binding domain tethered to steroid receptor coactivator-1 peptide'
2 non-polymer (1P)-N-(5-tert-butyl-2-{[(3S)-hexan-3-yl]oxy}phenyl)-1-(2,4-dimethoxy-5-methylphenyl)-5-methyl-1H-1,2,3-triazole-4-carboxamide
3 water water
#
_entity_poly.entity_id   1
_entity_poly.type   'polypeptide(L)'
_entity_poly.pdbx_seq_one_letter_code
;MKKGHHHHHHGSERTGTQPLGVQGLTEEQRMMIRELMDAQMKTFDTTFSHFKNFRLPGVLSSGCELPESLQAPSREEAAK
WSQVRKDLCSLKVSLQLRGEDGSVWNYKPPADSGGKEIFSLLPHMADMSTYMFKGIISFAKVISYFRDLPIEDQISLLKG
AAFELCQLRFNTVFNAETGTWECGRLSYCLEDTAGGFQQLLLEPMLKFHYMLKKLQLHEEEYVLMQAISLFSPDRPGVLQ
HRVVDQLQEQFAITLKSYIECNRPQPAHRFLFLKIMAMLTELRSINAQHTQRWLRIQDIHPFATPLMQELFGITGSSGGS
GGSSHSSLTERHKILHRLLQEGSPSDITTLSVEPD
;
_entity_poly.pdbx_strand_id   A,B
#
loop_
_chem_comp.id
_chem_comp.type
_chem_comp.name
_chem_comp.formula
WU2 non-polymer (1P)-N-(5-tert-butyl-2-{[(3S)-hexan-3-yl]oxy}phenyl)-1-(2,4-dimethoxy-5-methylphenyl)-5-methyl-1H-1,2,3-triazole-4-carboxamide 'C29 H40 N4 O4'
#
# COMPACT_ATOMS: atom_id res chain seq x y z
N GLY A 24 12.10 -37.27 35.56
CA GLY A 24 11.26 -37.00 34.42
C GLY A 24 9.83 -36.63 34.78
N LEU A 25 8.92 -36.77 33.82
CA LEU A 25 7.52 -36.45 34.01
C LEU A 25 6.69 -37.72 33.99
N THR A 26 5.57 -37.69 34.72
CA THR A 26 4.64 -38.81 34.67
C THR A 26 4.13 -38.99 33.25
N GLU A 27 3.77 -40.23 32.90
CA GLU A 27 3.33 -40.49 31.53
C GLU A 27 2.04 -39.73 31.22
N GLU A 28 1.21 -39.48 32.23
CA GLU A 28 0.01 -38.68 32.01
C GLU A 28 0.37 -37.22 31.71
N GLN A 29 1.27 -36.64 32.49
CA GLN A 29 1.77 -35.31 32.17
C GLN A 29 2.42 -35.28 30.79
N ARG A 30 3.10 -36.37 30.42
CA ARG A 30 3.66 -36.47 29.07
C ARG A 30 2.57 -36.52 28.02
N MET A 31 1.48 -37.24 28.30
CA MET A 31 0.35 -37.27 27.37
C MET A 31 -0.38 -35.94 27.35
N MET A 32 -0.45 -35.26 28.50
CA MET A 32 -1.05 -33.93 28.55
C MET A 32 -0.34 -32.97 27.61
N ILE A 33 0.99 -32.98 27.61
CA ILE A 33 1.77 -32.14 26.70
C ILE A 33 1.61 -32.61 25.27
N ARG A 34 1.58 -33.93 25.05
CA ARG A 34 1.44 -34.45 23.69
C ARG A 34 0.13 -33.99 23.07
N GLU A 35 -0.94 -33.94 23.85
CA GLU A 35 -2.23 -33.54 23.32
C GLU A 35 -2.29 -32.04 23.07
N LEU A 36 -1.72 -31.24 23.96
CA LEU A 36 -1.69 -29.80 23.76
C LEU A 36 -0.84 -29.42 22.54
N MET A 37 0.33 -30.03 22.42
CA MET A 37 1.16 -29.81 21.23
C MET A 37 0.45 -30.28 19.96
N ASP A 38 -0.29 -31.39 20.05
CA ASP A 38 -1.08 -31.84 18.92
C ASP A 38 -2.19 -30.84 18.61
N ALA A 39 -2.80 -30.28 19.64
CA ALA A 39 -3.82 -29.24 19.43
C ALA A 39 -3.21 -28.02 18.76
N GLN A 40 -2.06 -27.57 19.26
CA GLN A 40 -1.41 -26.38 18.71
C GLN A 40 -0.97 -26.61 17.27
N MET A 41 -0.52 -27.83 16.95
CA MET A 41 -0.05 -28.11 15.60
C MET A 41 -1.19 -28.06 14.59
N LYS A 42 -2.38 -28.51 14.98
CA LYS A 42 -3.51 -28.60 14.05
C LYS A 42 -4.26 -27.30 13.89
N THR A 43 -4.08 -26.32 14.80
CA THR A 43 -4.92 -25.15 14.83
C THR A 43 -4.19 -23.82 14.82
N PHE A 44 -2.87 -23.80 14.92
CA PHE A 44 -2.10 -22.55 14.86
C PHE A 44 -1.44 -22.48 13.49
N ASP A 45 -2.00 -21.65 12.61
CA ASP A 45 -1.42 -21.37 11.30
C ASP A 45 -0.28 -20.38 11.50
N THR A 46 0.90 -20.90 11.80
CA THR A 46 2.04 -20.04 12.14
C THR A 46 2.45 -19.15 10.98
N THR A 47 2.25 -19.60 9.75
CA THR A 47 2.59 -18.83 8.57
C THR A 47 1.48 -17.92 8.09
N PHE A 48 0.29 -17.98 8.72
CA PHE A 48 -0.85 -17.14 8.36
C PHE A 48 -1.23 -17.29 6.89
N SER A 49 -0.92 -18.45 6.31
CA SER A 49 -1.18 -18.69 4.90
C SER A 49 -2.66 -18.75 4.59
N HIS A 50 -3.48 -19.22 5.54
CA HIS A 50 -4.92 -19.32 5.33
C HIS A 50 -5.66 -18.09 5.81
N PHE A 51 -4.95 -17.01 6.11
CA PHE A 51 -5.56 -15.72 6.45
C PHE A 51 -5.67 -14.92 5.16
N LYS A 52 -6.85 -14.99 4.54
CA LYS A 52 -7.06 -14.39 3.23
C LYS A 52 -8.30 -13.51 3.27
N ASN A 53 -8.44 -12.70 2.22
CA ASN A 53 -9.62 -11.85 2.01
C ASN A 53 -9.84 -10.87 3.15
N PHE A 54 -8.77 -10.50 3.85
CA PHE A 54 -8.88 -9.50 4.91
C PHE A 54 -9.02 -8.11 4.31
N ARG A 55 -9.73 -7.24 5.04
CA ARG A 55 -9.80 -5.85 4.64
C ARG A 55 -8.46 -5.15 4.90
N LEU A 56 -8.16 -4.11 4.13
CA LEU A 56 -6.89 -3.35 4.31
C LEU A 56 -7.20 -1.86 4.27
N PRO A 57 -6.34 -1.00 4.81
CA PRO A 57 -6.59 0.43 4.70
C PRO A 57 -6.74 0.83 3.24
N GLY A 58 -7.56 1.87 3.01
CA GLY A 58 -7.93 2.22 1.66
C GLY A 58 -6.83 2.96 0.91
N VAL A 59 -6.94 2.93 -0.43
CA VAL A 59 -5.94 3.52 -1.30
C VAL A 59 -5.69 4.99 -0.90
N LEU A 60 -6.74 5.79 -0.94
CA LEU A 60 -6.61 7.22 -0.67
C LEU A 60 -7.75 7.71 0.22
N SER A 74 -20.77 17.61 19.78
CA SER A 74 -21.40 17.24 21.05
C SER A 74 -20.46 17.59 22.21
N ARG A 75 -20.90 17.33 23.44
CA ARG A 75 -20.13 17.69 24.63
C ARG A 75 -19.46 16.49 25.29
N GLU A 76 -20.24 15.45 25.61
CA GLU A 76 -19.68 14.22 26.18
C GLU A 76 -19.25 13.23 25.11
N GLU A 77 -19.93 13.22 23.97
CA GLU A 77 -19.41 12.46 22.80
C GLU A 77 -17.97 12.92 22.58
N ALA A 78 -17.71 14.21 22.76
CA ALA A 78 -16.32 14.70 22.62
C ALA A 78 -15.45 13.98 23.65
N ALA A 79 -16.03 13.67 24.82
CA ALA A 79 -15.27 12.90 25.84
C ALA A 79 -15.00 11.49 25.32
N LYS A 80 -16.07 10.74 25.04
CA LYS A 80 -15.90 9.37 24.57
C LYS A 80 -14.99 9.31 23.35
N TRP A 81 -15.11 10.29 22.45
CA TRP A 81 -14.20 10.38 21.31
C TRP A 81 -12.77 10.68 21.74
N SER A 82 -12.61 11.36 22.88
CA SER A 82 -11.26 11.66 23.36
C SER A 82 -10.58 10.42 23.90
N GLN A 83 -11.34 9.54 24.56
CA GLN A 83 -10.76 8.31 25.09
C GLN A 83 -10.33 7.37 23.98
N VAL A 84 -11.14 7.27 22.94
CA VAL A 84 -10.83 6.33 21.82
C VAL A 84 -9.47 6.69 21.22
N ARG A 85 -9.20 7.98 21.03
CA ARG A 85 -7.93 8.40 20.38
C ARG A 85 -6.74 7.89 21.21
N LYS A 86 -6.79 8.09 22.52
CA LYS A 86 -5.66 7.71 23.39
C LYS A 86 -5.46 6.21 23.27
N ASP A 87 -6.57 5.50 23.19
CA ASP A 87 -6.51 4.03 23.09
C ASP A 87 -5.81 3.62 21.79
N LEU A 88 -6.04 4.34 20.69
CA LEU A 88 -5.50 3.91 19.38
C LEU A 88 -4.07 4.42 19.12
N CYS A 89 -3.56 5.35 19.93
CA CYS A 89 -2.20 5.84 19.78
C CYS A 89 -1.18 4.99 20.51
N SER A 90 -1.63 4.11 21.42
CA SER A 90 -0.70 3.31 22.21
C SER A 90 0.02 2.28 21.34
N LEU A 91 -0.71 1.65 20.41
CA LEU A 91 -0.20 0.54 19.60
C LEU A 91 -0.26 0.94 18.13
N LYS A 92 0.68 1.78 17.70
CA LYS A 92 0.75 2.23 16.32
C LYS A 92 1.77 1.38 15.56
N VAL A 93 1.31 0.71 14.51
CA VAL A 93 2.16 -0.17 13.71
C VAL A 93 2.00 0.20 12.24
N SER A 94 3.04 -0.15 11.46
CA SER A 94 2.99 -0.08 10.01
C SER A 94 2.81 -1.48 9.46
N LEU A 95 2.03 -1.62 8.39
CA LEU A 95 1.75 -2.96 7.82
C LEU A 95 2.63 -3.18 6.60
N GLN A 96 3.29 -4.32 6.52
CA GLN A 96 4.07 -4.68 5.35
C GLN A 96 3.46 -5.94 4.74
N LEU A 97 3.15 -5.88 3.45
CA LEU A 97 2.58 -7.04 2.76
C LEU A 97 3.56 -7.48 1.68
N ARG A 98 4.33 -8.53 1.96
CA ARG A 98 5.29 -9.05 1.00
C ARG A 98 4.58 -10.00 0.03
N GLY A 99 4.88 -9.85 -1.26
CA GLY A 99 4.21 -10.59 -2.29
C GLY A 99 5.03 -11.79 -2.73
N GLU A 100 4.37 -12.68 -3.46
CA GLU A 100 5.06 -13.86 -4.02
C GLU A 100 6.14 -13.42 -5.01
N ASP A 101 5.86 -12.40 -5.80
CA ASP A 101 6.79 -11.90 -6.81
C ASP A 101 8.06 -11.31 -6.18
N GLY A 102 8.04 -11.00 -4.89
CA GLY A 102 9.12 -10.29 -4.25
C GLY A 102 8.82 -8.83 -3.97
N SER A 103 7.65 -8.34 -4.38
CA SER A 103 7.28 -6.97 -4.10
C SER A 103 6.94 -6.78 -2.62
N VAL A 104 6.98 -5.54 -2.19
CA VAL A 104 6.69 -5.18 -0.80
C VAL A 104 5.76 -3.97 -0.81
N TRP A 105 4.47 -4.21 -0.57
CA TRP A 105 3.56 -3.12 -0.22
C TRP A 105 3.74 -2.77 1.25
N ASN A 106 3.82 -1.48 1.55
CA ASN A 106 3.99 -1.01 2.92
C ASN A 106 2.99 0.11 3.21
N TYR A 107 2.30 0.00 4.33
CA TYR A 107 1.35 1.01 4.78
C TYR A 107 1.92 1.71 6.00
N LYS A 108 2.08 3.04 5.90
CA LYS A 108 2.44 3.85 7.05
C LYS A 108 1.20 4.50 7.62
N PRO A 109 0.94 4.39 8.93
CA PRO A 109 -0.30 4.92 9.54
C PRO A 109 -0.30 6.45 9.52
N PRO A 110 -1.48 7.05 9.32
CA PRO A 110 -1.60 8.51 9.36
C PRO A 110 -1.44 9.03 10.79
N ALA A 111 -0.90 10.22 10.92
CA ALA A 111 -0.91 10.88 12.21
C ALA A 111 -2.31 11.40 12.51
N ASP A 112 -2.65 11.48 13.80
CA ASP A 112 -4.01 11.82 14.18
C ASP A 112 -4.38 13.20 13.65
N SER A 113 -5.52 13.27 12.97
CA SER A 113 -6.08 14.52 12.47
C SER A 113 -7.52 14.69 12.95
N GLY A 114 -7.83 14.15 14.13
CA GLY A 114 -9.14 14.25 14.73
C GLY A 114 -10.28 13.74 13.89
N GLY A 115 -10.10 12.57 13.27
CA GLY A 115 -11.10 12.07 12.35
C GLY A 115 -11.17 10.56 12.28
N LYS A 116 -11.89 10.04 11.29
CA LYS A 116 -12.00 8.59 11.08
C LYS A 116 -10.66 7.96 10.69
N GLU A 117 -9.65 8.78 10.39
CA GLU A 117 -8.33 8.26 10.03
C GLU A 117 -7.73 7.39 11.13
N ILE A 118 -8.13 7.62 12.38
CA ILE A 118 -7.58 6.84 13.48
C ILE A 118 -8.09 5.40 13.44
N PHE A 119 -9.21 5.18 12.76
CA PHE A 119 -9.82 3.85 12.60
C PHE A 119 -9.51 3.24 11.25
N SER A 120 -8.28 3.40 10.76
CA SER A 120 -7.91 2.99 9.40
C SER A 120 -7.49 1.52 9.34
N LEU A 121 -6.80 1.05 10.37
CA LEU A 121 -6.29 -0.32 10.42
C LEU A 121 -7.15 -1.25 11.27
N LEU A 122 -8.19 -0.73 11.90
CA LEU A 122 -9.11 -1.52 12.74
C LEU A 122 -9.95 -2.52 11.94
N PRO A 123 -10.46 -2.20 10.74
CA PRO A 123 -11.16 -3.23 9.97
C PRO A 123 -10.27 -4.42 9.63
N HIS A 124 -8.99 -4.17 9.34
CA HIS A 124 -8.05 -5.26 9.11
C HIS A 124 -7.80 -6.04 10.39
N MET A 125 -7.51 -5.33 11.49
CA MET A 125 -7.23 -5.99 12.75
C MET A 125 -8.46 -6.69 13.33
N ALA A 126 -9.66 -6.35 12.85
CA ALA A 126 -10.84 -7.10 13.25
C ALA A 126 -10.96 -8.41 12.48
N ASP A 127 -10.49 -8.43 11.23
CA ASP A 127 -10.42 -9.68 10.48
C ASP A 127 -9.29 -10.56 11.02
N MET A 128 -8.17 -9.95 11.44
CA MET A 128 -7.08 -10.70 12.02
C MET A 128 -7.50 -11.36 13.34
N SER A 129 -8.19 -10.61 14.20
CA SER A 129 -8.67 -11.17 15.47
C SER A 129 -9.64 -12.31 15.24
N THR A 130 -10.64 -12.08 14.37
CA THR A 130 -11.61 -13.12 14.07
C THR A 130 -10.93 -14.38 13.53
N TYR A 131 -9.94 -14.20 12.65
CA TYR A 131 -9.18 -15.34 12.15
C TYR A 131 -8.44 -16.05 13.29
N MET A 132 -7.84 -15.29 14.20
CA MET A 132 -7.08 -15.92 15.29
C MET A 132 -8.01 -16.66 16.24
N PHE A 133 -9.14 -16.04 16.59
CA PHE A 133 -10.05 -16.65 17.55
C PHE A 133 -10.61 -17.97 17.03
N LYS A 134 -10.97 -18.02 15.74
CA LYS A 134 -11.45 -19.27 15.17
C LYS A 134 -10.39 -20.37 15.26
N GLY A 135 -9.11 -19.99 15.22
CA GLY A 135 -8.06 -20.95 15.53
C GLY A 135 -7.98 -21.29 17.00
N ILE A 136 -8.36 -20.35 17.87
CA ILE A 136 -8.39 -20.62 19.31
C ILE A 136 -9.55 -21.55 19.65
N ILE A 137 -10.72 -21.29 19.06
CA ILE A 137 -11.86 -22.20 19.25
C ILE A 137 -11.48 -23.61 18.83
N SER A 138 -10.83 -23.73 17.67
CA SER A 138 -10.41 -25.03 17.20
C SER A 138 -9.37 -25.66 18.12
N PHE A 139 -8.52 -24.82 18.72
CA PHE A 139 -7.51 -25.33 19.66
C PHE A 139 -8.16 -25.98 20.87
N ALA A 140 -9.17 -25.33 21.44
CA ALA A 140 -9.82 -25.87 22.63
C ALA A 140 -10.58 -27.16 22.31
N LYS A 141 -11.20 -27.22 21.12
CA LYS A 141 -12.05 -28.38 20.80
C LYS A 141 -11.26 -29.67 20.66
N VAL A 142 -10.01 -29.61 20.20
CA VAL A 142 -9.22 -30.83 20.07
C VAL A 142 -8.80 -31.35 21.45
N ILE A 143 -8.70 -30.46 22.44
CA ILE A 143 -8.33 -30.89 23.79
C ILE A 143 -9.47 -31.68 24.41
N SER A 144 -9.17 -32.89 24.90
CA SER A 144 -10.21 -33.76 25.41
C SER A 144 -10.84 -33.18 26.69
N TYR A 145 -10.02 -32.60 27.58
CA TYR A 145 -10.55 -32.07 28.83
C TYR A 145 -11.55 -30.94 28.57
N PHE A 146 -11.39 -30.21 27.46
CA PHE A 146 -12.29 -29.09 27.17
C PHE A 146 -13.59 -29.57 26.56
N ARG A 147 -13.53 -30.63 25.74
CA ARG A 147 -14.75 -31.15 25.11
C ARG A 147 -15.71 -31.73 26.14
N ASP A 148 -15.19 -32.42 27.15
CA ASP A 148 -16.03 -33.06 28.16
C ASP A 148 -16.73 -32.06 29.06
N LEU A 149 -16.35 -30.78 29.02
CA LEU A 149 -17.02 -29.77 29.81
C LEU A 149 -18.39 -29.45 29.25
N PRO A 150 -19.28 -28.87 30.06
CA PRO A 150 -20.56 -28.39 29.53
C PRO A 150 -20.35 -27.31 28.48
N ILE A 151 -21.20 -27.32 27.46
CA ILE A 151 -21.07 -26.36 26.36
C ILE A 151 -21.16 -24.92 26.87
N GLU A 152 -21.98 -24.68 27.88
CA GLU A 152 -22.09 -23.34 28.44
C GLU A 152 -20.79 -22.92 29.14
N ASP A 153 -20.08 -23.88 29.73
CA ASP A 153 -18.78 -23.57 30.32
C ASP A 153 -17.69 -23.45 29.27
N GLN A 154 -17.81 -24.20 28.17
CA GLN A 154 -16.91 -24.01 27.04
C GLN A 154 -17.03 -22.60 26.47
N ILE A 155 -18.25 -22.08 26.39
CA ILE A 155 -18.45 -20.72 25.89
C ILE A 155 -17.85 -19.71 26.86
N SER A 156 -18.04 -19.93 28.16
CA SER A 156 -17.53 -18.98 29.15
C SER A 156 -16.01 -18.97 29.17
N LEU A 157 -15.38 -20.14 29.04
CA LEU A 157 -13.92 -20.20 29.06
C LEU A 157 -13.33 -19.54 27.83
N LEU A 158 -13.92 -19.79 26.66
CA LEU A 158 -13.42 -19.14 25.44
C LEU A 158 -13.65 -17.64 25.48
N LYS A 159 -14.73 -17.18 26.12
CA LYS A 159 -14.97 -15.75 26.22
C LYS A 159 -13.88 -15.05 27.02
N GLY A 160 -13.49 -15.64 28.16
CA GLY A 160 -12.53 -14.98 29.02
C GLY A 160 -11.08 -15.11 28.59
N ALA A 161 -10.75 -16.11 27.77
CA ALA A 161 -9.38 -16.42 27.44
C ALA A 161 -8.99 -16.12 26.00
N ALA A 162 -9.93 -15.64 25.17
CA ALA A 162 -9.65 -15.46 23.75
C ALA A 162 -8.58 -14.41 23.52
N PHE A 163 -8.67 -13.27 24.20
CA PHE A 163 -7.65 -12.23 24.06
C PHE A 163 -6.30 -12.74 24.55
N GLU A 164 -6.30 -13.47 25.67
CA GLU A 164 -5.05 -13.95 26.24
C GLU A 164 -4.40 -15.00 25.37
N LEU A 165 -5.19 -15.97 24.87
CA LEU A 165 -4.63 -17.01 24.02
C LEU A 165 -4.19 -16.44 22.67
N CYS A 166 -4.85 -15.37 22.21
CA CYS A 166 -4.44 -14.74 20.96
C CYS A 166 -3.12 -13.99 21.13
N GLN A 167 -2.96 -13.29 22.25
CA GLN A 167 -1.70 -12.59 22.49
C GLN A 167 -0.56 -13.56 22.74
N LEU A 168 -0.84 -14.70 23.40
CA LEU A 168 0.20 -15.70 23.61
C LEU A 168 0.69 -16.26 22.29
N ARG A 169 -0.24 -16.50 21.35
CA ARG A 169 0.18 -16.94 20.02
C ARG A 169 0.94 -15.86 19.28
N PHE A 170 0.50 -14.60 19.40
CA PHE A 170 1.21 -13.50 18.75
C PHE A 170 2.63 -13.36 19.25
N ASN A 171 2.89 -13.68 20.53
CA ASN A 171 4.23 -13.50 21.05
C ASN A 171 5.22 -14.45 20.41
N THR A 172 4.76 -15.63 19.96
CA THR A 172 5.66 -16.58 19.33
C THR A 172 6.16 -16.11 17.97
N VAL A 173 5.44 -15.18 17.33
CA VAL A 173 5.86 -14.61 16.07
C VAL A 173 6.36 -13.18 16.23
N PHE A 174 6.56 -12.72 17.47
CA PHE A 174 7.01 -11.36 17.74
C PHE A 174 8.53 -11.31 17.80
N ASN A 175 9.12 -10.44 16.99
CA ASN A 175 10.56 -10.22 16.99
C ASN A 175 10.84 -8.95 17.80
N ALA A 176 11.49 -9.13 18.95
CA ALA A 176 11.80 -8.00 19.82
C ALA A 176 12.98 -7.18 19.31
N GLU A 177 13.86 -7.77 18.51
CA GLU A 177 15.00 -7.04 17.97
C GLU A 177 14.55 -5.94 17.01
N THR A 178 13.42 -6.13 16.33
CA THR A 178 12.91 -5.18 15.36
C THR A 178 11.53 -4.64 15.70
N GLY A 179 10.93 -5.08 16.79
CA GLY A 179 9.60 -4.59 17.17
C GLY A 179 8.53 -4.92 16.15
N THR A 180 8.55 -6.14 15.61
CA THR A 180 7.69 -6.53 14.50
C THR A 180 7.06 -7.89 14.79
N TRP A 181 5.76 -7.98 14.53
CA TRP A 181 5.07 -9.27 14.50
C TRP A 181 5.16 -9.82 13.09
N GLU A 182 5.79 -10.99 12.94
CA GLU A 182 6.06 -11.58 11.64
C GLU A 182 5.00 -12.62 11.37
N CYS A 183 3.90 -12.19 10.77
CA CYS A 183 2.75 -13.04 10.52
C CYS A 183 2.73 -13.49 9.06
N GLY A 184 3.70 -14.33 8.73
CA GLY A 184 3.79 -14.89 7.39
C GLY A 184 4.25 -13.88 6.36
N ARG A 185 3.39 -13.61 5.38
CA ARG A 185 3.64 -12.53 4.42
C ARG A 185 3.37 -11.16 5.01
N LEU A 186 2.57 -11.10 6.08
CA LEU A 186 2.23 -9.85 6.72
C LEU A 186 3.19 -9.59 7.88
N SER A 187 3.59 -8.33 8.03
CA SER A 187 4.38 -7.87 9.15
C SER A 187 3.77 -6.62 9.75
N TYR A 188 3.82 -6.51 11.06
CA TYR A 188 3.28 -5.36 11.80
C TYR A 188 4.44 -4.79 12.61
N CYS A 189 5.05 -3.73 12.11
CA CYS A 189 6.22 -3.13 12.73
C CYS A 189 5.78 -1.94 13.58
N LEU A 190 6.11 -1.98 14.87
CA LEU A 190 5.83 -0.86 15.76
C LEU A 190 6.52 0.40 15.26
N GLU A 191 5.83 1.52 15.36
CA GLU A 191 6.36 2.80 14.92
C GLU A 191 7.07 3.51 16.05
N ASP A 192 8.21 4.14 15.73
CA ASP A 192 8.98 4.86 16.73
C ASP A 192 8.20 6.07 17.22
N THR A 193 7.83 6.05 18.51
CA THR A 193 7.10 7.15 19.13
C THR A 193 8.02 8.22 19.72
N ALA A 194 9.21 8.39 19.15
CA ALA A 194 10.23 9.34 19.59
C ALA A 194 10.83 8.97 20.94
N GLY A 195 10.18 8.07 21.67
CA GLY A 195 10.72 7.55 22.90
C GLY A 195 10.86 6.04 22.86
N GLY A 196 11.16 5.52 21.67
CA GLY A 196 11.27 4.08 21.44
C GLY A 196 12.16 3.36 22.43
N PHE A 197 11.79 2.13 22.78
CA PHE A 197 12.42 1.32 23.81
C PHE A 197 12.29 1.94 25.20
N GLN A 198 11.51 3.01 25.34
CA GLN A 198 11.23 3.61 26.64
C GLN A 198 9.78 4.02 26.71
N GLN A 199 9.28 4.68 25.67
CA GLN A 199 7.87 5.07 25.63
C GLN A 199 6.97 3.86 25.36
N LEU A 200 7.42 2.94 24.50
CA LEU A 200 6.64 1.75 24.23
C LEU A 200 6.50 0.87 25.47
N LEU A 201 7.53 0.82 26.31
CA LEU A 201 7.49 0.01 27.52
C LEU A 201 6.44 0.49 28.52
N LEU A 202 5.95 1.73 28.35
CA LEU A 202 4.87 2.20 29.21
C LEU A 202 3.56 1.46 28.92
N GLU A 203 3.31 1.17 27.65
CA GLU A 203 2.11 0.41 27.29
C GLU A 203 2.23 -1.02 27.78
N PRO A 204 1.36 -1.47 28.69
CA PRO A 204 1.53 -2.82 29.26
C PRO A 204 1.46 -3.93 28.22
N MET A 205 0.70 -3.73 27.15
CA MET A 205 0.63 -4.73 26.09
C MET A 205 2.00 -4.95 25.46
N LEU A 206 2.69 -3.87 25.11
CA LEU A 206 4.02 -4.01 24.51
C LEU A 206 5.03 -4.53 25.52
N LYS A 207 4.92 -4.08 26.78
CA LYS A 207 5.81 -4.59 27.81
C LYS A 207 5.61 -6.08 28.02
N PHE A 208 4.37 -6.54 27.94
CA PHE A 208 4.10 -7.98 28.04
C PHE A 208 4.86 -8.76 26.98
N HIS A 209 4.80 -8.31 25.73
CA HIS A 209 5.44 -9.06 24.65
C HIS A 209 6.95 -9.05 24.77
N TYR A 210 7.54 -7.91 25.11
CA TYR A 210 8.99 -7.87 25.27
C TYR A 210 9.44 -8.73 26.44
N MET A 211 8.71 -8.68 27.56
CA MET A 211 9.11 -9.46 28.73
C MET A 211 8.92 -10.96 28.48
N LEU A 212 7.80 -11.35 27.87
CA LEU A 212 7.56 -12.76 27.62
C LEU A 212 8.57 -13.32 26.63
N LYS A 213 8.92 -12.54 25.62
CA LYS A 213 9.92 -12.99 24.65
C LYS A 213 11.29 -13.16 25.29
N LYS A 214 11.61 -12.35 26.31
CA LYS A 214 12.89 -12.47 26.98
C LYS A 214 13.01 -13.78 27.75
N LEU A 215 11.87 -14.35 28.18
CA LEU A 215 11.90 -15.65 28.85
C LEU A 215 12.32 -16.78 27.91
N GLN A 216 12.18 -16.58 26.60
CA GLN A 216 12.58 -17.56 25.59
C GLN A 216 11.98 -18.93 25.88
N LEU A 217 10.65 -18.96 25.97
CA LEU A 217 9.94 -20.17 26.32
C LEU A 217 9.95 -21.17 25.17
N HIS A 218 9.80 -22.45 25.53
CA HIS A 218 9.67 -23.50 24.53
C HIS A 218 8.25 -23.54 23.99
N GLU A 219 8.07 -24.30 22.89
CA GLU A 219 6.73 -24.50 22.35
C GLU A 219 5.82 -25.17 23.38
N GLU A 220 6.36 -26.11 24.14
CA GLU A 220 5.55 -26.81 25.15
C GLU A 220 5.15 -25.86 26.28
N GLU A 221 6.05 -24.93 26.63
CA GLU A 221 5.73 -23.99 27.70
C GLU A 221 4.69 -22.96 27.21
N TYR A 222 4.75 -22.56 25.95
CA TYR A 222 3.72 -21.68 25.41
C TYR A 222 2.36 -22.38 25.41
N VAL A 223 2.32 -23.64 25.01
CA VAL A 223 1.04 -24.34 24.93
C VAL A 223 0.48 -24.61 26.32
N LEU A 224 1.34 -24.75 27.33
CA LEU A 224 0.85 -24.92 28.69
C LEU A 224 0.34 -23.61 29.27
N MET A 225 0.94 -22.47 28.90
CA MET A 225 0.37 -21.19 29.27
C MET A 225 -1.04 -21.05 28.72
N GLN A 226 -1.25 -21.45 27.46
CA GLN A 226 -2.56 -21.36 26.86
C GLN A 226 -3.58 -22.21 27.60
N ALA A 227 -3.18 -23.42 28.01
CA ALA A 227 -4.09 -24.28 28.75
C ALA A 227 -4.43 -23.69 30.12
N ILE A 228 -3.44 -23.10 30.80
CA ILE A 228 -3.69 -22.50 32.10
C ILE A 228 -4.63 -21.32 31.97
N SER A 229 -4.47 -20.53 30.91
CA SER A 229 -5.36 -19.40 30.68
C SER A 229 -6.75 -19.88 30.27
N LEU A 230 -6.82 -20.87 29.37
CA LEU A 230 -8.12 -21.36 28.91
C LEU A 230 -8.94 -21.92 30.07
N PHE A 231 -8.32 -22.78 30.87
CA PHE A 231 -9.01 -23.38 32.02
C PHE A 231 -8.86 -22.50 33.26
N SER A 232 -9.42 -21.29 33.17
CA SER A 232 -9.43 -20.41 34.33
C SER A 232 -10.74 -20.57 35.08
N PRO A 233 -10.71 -21.07 36.32
CA PRO A 233 -11.98 -21.32 37.04
C PRO A 233 -12.71 -20.07 37.48
N ASP A 234 -12.10 -18.90 37.38
CA ASP A 234 -12.72 -17.66 37.83
C ASP A 234 -13.28 -16.82 36.70
N ARG A 235 -13.38 -17.37 35.49
CA ARG A 235 -13.99 -16.63 34.39
C ARG A 235 -15.48 -16.43 34.64
N PRO A 236 -16.05 -15.33 34.15
CA PRO A 236 -17.49 -15.11 34.31
C PRO A 236 -18.30 -16.21 33.62
N GLY A 237 -19.31 -16.70 34.33
CA GLY A 237 -20.23 -17.66 33.77
C GLY A 237 -19.87 -19.12 33.96
N VAL A 238 -18.66 -19.41 34.44
CA VAL A 238 -18.30 -20.80 34.69
C VAL A 238 -19.15 -21.31 35.85
N LEU A 239 -19.66 -22.53 35.69
CA LEU A 239 -20.46 -23.17 36.72
C LEU A 239 -19.73 -24.34 37.37
N GLN A 240 -18.91 -25.06 36.60
CA GLN A 240 -18.12 -26.17 37.12
C GLN A 240 -16.76 -25.65 37.60
N HIS A 241 -16.83 -24.68 38.54
N HIS A 241 -16.82 -24.67 38.53
CA HIS A 241 -15.62 -24.02 39.01
CA HIS A 241 -15.61 -24.02 39.04
C HIS A 241 -14.62 -25.01 39.61
C HIS A 241 -14.62 -25.03 39.60
N ARG A 242 -15.12 -26.06 40.26
CA ARG A 242 -14.23 -27.02 40.91
C ARG A 242 -13.54 -27.90 39.89
N VAL A 243 -14.24 -28.26 38.82
CA VAL A 243 -13.67 -29.10 37.79
C VAL A 243 -12.60 -28.33 37.02
N VAL A 244 -12.90 -27.10 36.61
CA VAL A 244 -11.95 -26.32 35.84
C VAL A 244 -10.72 -25.95 36.67
N ASP A 245 -10.90 -25.72 37.97
CA ASP A 245 -9.76 -25.40 38.83
C ASP A 245 -8.83 -26.60 38.96
N GLN A 246 -9.40 -27.79 39.17
CA GLN A 246 -8.58 -29.00 39.22
C GLN A 246 -7.76 -29.14 37.95
N LEU A 247 -8.39 -28.94 36.79
CA LEU A 247 -7.69 -29.06 35.51
C LEU A 247 -6.57 -28.04 35.39
N GLN A 248 -6.86 -26.77 35.69
CA GLN A 248 -5.83 -25.74 35.64
C GLN A 248 -4.66 -26.09 36.54
N GLU A 249 -4.95 -26.60 37.74
CA GLU A 249 -3.88 -26.97 38.67
C GLU A 249 -3.01 -28.07 38.07
N GLN A 250 -3.61 -29.01 37.34
CA GLN A 250 -2.83 -30.11 36.78
C GLN A 250 -2.02 -29.67 35.56
N PHE A 251 -2.52 -28.71 34.76
CA PHE A 251 -1.70 -28.13 33.71
C PHE A 251 -0.54 -27.34 34.30
N ALA A 252 -0.80 -26.62 35.39
CA ALA A 252 0.26 -25.83 36.02
C ALA A 252 1.33 -26.72 36.67
N ILE A 253 0.90 -27.82 37.30
CA ILE A 253 1.87 -28.78 37.83
C ILE A 253 2.71 -29.39 36.71
N THR A 254 2.05 -29.70 35.58
CA THR A 254 2.80 -30.19 34.43
C THR A 254 3.82 -29.17 33.95
N LEU A 255 3.44 -27.88 33.93
CA LEU A 255 4.38 -26.85 33.52
C LEU A 255 5.54 -26.74 34.49
N LYS A 256 5.25 -26.73 35.80
CA LYS A 256 6.33 -26.67 36.79
C LYS A 256 7.23 -27.90 36.69
N SER A 257 6.66 -29.08 36.52
CA SER A 257 7.47 -30.28 36.38
C SER A 257 8.29 -30.27 35.10
N TYR A 258 7.72 -29.71 34.01
CA TYR A 258 8.46 -29.60 32.76
C TYR A 258 9.71 -28.74 32.91
N ILE A 259 9.61 -27.66 33.68
CA ILE A 259 10.74 -26.75 33.84
C ILE A 259 11.81 -27.37 34.72
N GLU A 260 11.42 -28.09 35.77
CA GLU A 260 12.40 -28.75 36.64
C GLU A 260 13.20 -29.79 35.87
N CYS A 261 12.54 -30.53 34.98
CA CYS A 261 13.15 -31.69 34.32
C CYS A 261 13.87 -31.35 33.01
N ASN A 262 13.54 -30.23 32.37
CA ASN A 262 14.06 -29.94 31.04
C ASN A 262 14.86 -28.64 30.96
N ARG A 263 15.22 -28.05 32.10
CA ARG A 263 16.05 -26.86 32.13
C ARG A 263 17.04 -26.97 33.28
N PRO A 264 18.21 -26.31 33.17
CA PRO A 264 19.16 -26.29 34.30
C PRO A 264 18.50 -25.88 35.60
N GLN A 265 18.61 -26.74 36.62
CA GLN A 265 17.81 -26.58 37.83
C GLN A 265 18.02 -25.23 38.52
N PRO A 266 19.24 -24.75 38.79
CA PRO A 266 19.35 -23.51 39.56
C PRO A 266 19.01 -22.27 38.75
N ALA A 267 19.44 -22.21 37.49
CA ALA A 267 19.29 -20.97 36.72
C ALA A 267 17.84 -20.62 36.48
N HIS A 268 17.00 -21.63 36.22
CA HIS A 268 15.57 -21.41 35.98
C HIS A 268 14.74 -21.76 37.21
N ARG A 269 15.29 -21.47 38.39
CA ARG A 269 14.65 -21.81 39.65
C ARG A 269 13.27 -21.18 39.77
N PHE A 270 13.08 -20.00 39.19
CA PHE A 270 11.82 -19.26 39.30
C PHE A 270 11.14 -19.03 37.97
N LEU A 271 11.46 -19.83 36.95
CA LEU A 271 10.83 -19.61 35.63
C LEU A 271 9.33 -19.87 35.68
N PHE A 272 8.89 -20.89 36.41
CA PHE A 272 7.47 -21.17 36.51
C PHE A 272 6.71 -19.98 37.11
N LEU A 273 7.22 -19.43 38.22
CA LEU A 273 6.55 -18.30 38.83
C LEU A 273 6.57 -17.07 37.93
N LYS A 274 7.66 -16.88 37.19
CA LYS A 274 7.71 -15.80 36.21
C LYS A 274 6.61 -15.96 35.17
N ILE A 275 6.42 -17.18 34.67
CA ILE A 275 5.36 -17.44 33.71
C ILE A 275 3.99 -17.18 34.33
N MET A 276 3.78 -17.63 35.57
CA MET A 276 2.50 -17.38 36.21
C MET A 276 2.25 -15.89 36.43
N ALA A 277 3.30 -15.12 36.69
CA ALA A 277 3.13 -13.68 36.84
C ALA A 277 2.86 -13.00 35.52
N MET A 278 3.42 -13.50 34.42
CA MET A 278 3.10 -12.97 33.10
C MET A 278 1.65 -13.25 32.74
N LEU A 279 1.14 -14.44 33.11
CA LEU A 279 -0.26 -14.76 32.86
C LEU A 279 -1.20 -13.90 33.70
N THR A 280 -0.79 -13.60 34.94
CA THR A 280 -1.57 -12.70 35.77
C THR A 280 -1.64 -11.30 35.16
N GLU A 281 -0.49 -10.82 34.66
CA GLU A 281 -0.46 -9.51 34.01
C GLU A 281 -1.29 -9.52 32.73
N LEU A 282 -1.29 -10.62 31.98
CA LEU A 282 -2.09 -10.70 30.78
C LEU A 282 -3.58 -10.67 31.09
N ARG A 283 -3.99 -11.22 32.25
CA ARG A 283 -5.39 -11.11 32.67
C ARG A 283 -5.76 -9.66 32.96
N SER A 284 -4.85 -8.91 33.58
CA SER A 284 -5.09 -7.49 33.82
C SER A 284 -5.13 -6.71 32.50
N ILE A 285 -4.19 -6.99 31.60
CA ILE A 285 -4.20 -6.36 30.28
C ILE A 285 -5.49 -6.69 29.55
N ASN A 286 -5.98 -7.93 29.71
CA ASN A 286 -7.22 -8.34 29.04
C ASN A 286 -8.39 -7.47 29.47
N ALA A 287 -8.51 -7.19 30.77
CA ALA A 287 -9.59 -6.36 31.27
C ALA A 287 -9.50 -4.95 30.70
N GLN A 288 -8.29 -4.41 30.57
CA GLN A 288 -8.13 -3.05 30.06
C GLN A 288 -8.51 -2.95 28.59
N HIS A 289 -8.06 -3.90 27.78
CA HIS A 289 -8.35 -3.84 26.34
C HIS A 289 -9.77 -4.29 26.00
N THR A 290 -10.40 -5.11 26.86
CA THR A 290 -11.82 -5.38 26.69
C THR A 290 -12.63 -4.10 26.81
N GLN A 291 -12.21 -3.17 27.67
CA GLN A 291 -12.91 -1.89 27.79
C GLN A 291 -12.56 -0.96 26.64
N ARG A 292 -11.28 -0.89 26.26
CA ARG A 292 -10.88 -0.14 25.07
C ARG A 292 -11.71 -0.53 23.87
N TRP A 293 -11.83 -1.85 23.64
CA TRP A 293 -12.55 -2.37 22.49
C TRP A 293 -14.01 -1.98 22.53
N LEU A 294 -14.63 -1.99 23.72
CA LEU A 294 -16.05 -1.66 23.83
C LEU A 294 -16.30 -0.18 23.62
N ARG A 295 -15.37 0.68 24.06
CA ARG A 295 -15.52 2.11 23.83
C ARG A 295 -15.35 2.45 22.36
N ILE A 296 -14.40 1.80 21.68
CA ILE A 296 -14.18 2.06 20.27
C ILE A 296 -15.35 1.53 19.44
N GLN A 297 -15.93 0.40 19.84
CA GLN A 297 -17.10 -0.12 19.14
C GLN A 297 -18.30 0.81 19.29
N ASP A 298 -18.39 1.52 20.42
CA ASP A 298 -19.51 2.43 20.64
C ASP A 298 -19.45 3.62 19.68
N ILE A 299 -18.25 4.11 19.38
CA ILE A 299 -18.07 5.26 18.50
C ILE A 299 -18.00 4.84 17.04
N HIS A 300 -17.18 3.84 16.73
CA HIS A 300 -16.97 3.38 15.36
C HIS A 300 -17.18 1.87 15.32
N PRO A 301 -18.31 1.39 14.82
CA PRO A 301 -18.57 -0.05 14.83
C PRO A 301 -17.75 -0.79 13.79
N PHE A 302 -16.73 -1.52 14.25
CA PHE A 302 -15.81 -2.24 13.36
C PHE A 302 -15.89 -3.75 13.52
N ALA A 303 -16.54 -4.23 14.58
CA ALA A 303 -16.45 -5.63 14.96
C ALA A 303 -17.15 -6.55 13.98
N THR A 304 -16.61 -7.76 13.86
CA THR A 304 -17.26 -8.83 13.10
C THR A 304 -18.33 -9.48 13.97
N PRO A 305 -19.25 -10.24 13.35
CA PRO A 305 -20.31 -10.87 14.16
C PRO A 305 -19.79 -11.75 15.27
N LEU A 306 -18.78 -12.58 14.99
CA LEU A 306 -18.22 -13.44 16.03
C LEU A 306 -17.60 -12.63 17.16
N MET A 307 -16.91 -11.54 16.83
CA MET A 307 -16.34 -10.68 17.86
C MET A 307 -17.44 -9.98 18.66
N GLN A 308 -18.53 -9.59 18.00
CA GLN A 308 -19.62 -8.94 18.73
C GLN A 308 -20.21 -9.85 19.80
N GLU A 309 -20.39 -11.13 19.47
CA GLU A 309 -20.86 -12.08 20.47
C GLU A 309 -19.87 -12.21 21.62
N LEU A 310 -18.57 -12.27 21.31
CA LEU A 310 -17.56 -12.43 22.34
C LEU A 310 -17.59 -11.28 23.35
N PHE A 311 -18.00 -10.10 22.92
CA PHE A 311 -18.00 -8.92 23.77
C PHE A 311 -19.40 -8.55 24.24
N GLY A 312 -20.38 -9.43 24.08
CA GLY A 312 -21.73 -9.16 24.53
C GLY A 312 -22.39 -8.00 23.81
N ILE A 313 -22.42 -8.07 22.48
CA ILE A 313 -23.01 -7.01 21.66
C ILE A 313 -23.97 -7.60 20.65
N SER A 327 -29.88 -16.67 28.17
CA SER A 327 -29.20 -17.93 27.88
C SER A 327 -27.88 -17.71 27.17
N LEU A 328 -26.82 -18.38 27.64
CA LEU A 328 -25.50 -18.23 27.03
C LEU A 328 -25.46 -18.79 25.62
N THR A 329 -26.08 -19.96 25.41
CA THR A 329 -26.05 -20.57 24.09
C THR A 329 -26.81 -19.76 23.06
N GLU A 330 -27.87 -19.06 23.49
CA GLU A 330 -28.63 -18.22 22.56
C GLU A 330 -28.01 -16.86 22.36
N ARG A 331 -27.16 -16.41 23.29
CA ARG A 331 -26.45 -15.14 23.14
C ARG A 331 -25.11 -15.29 22.45
N HIS A 332 -24.72 -16.52 22.09
CA HIS A 332 -23.46 -16.79 21.41
C HIS A 332 -23.68 -17.88 20.36
N LYS A 333 -24.60 -17.61 19.43
CA LYS A 333 -25.04 -18.64 18.51
C LYS A 333 -23.96 -19.01 17.49
N ILE A 334 -23.14 -18.06 17.07
CA ILE A 334 -22.04 -18.39 16.17
C ILE A 334 -21.04 -19.28 16.89
N LEU A 335 -20.54 -18.82 18.04
CA LEU A 335 -19.58 -19.61 18.81
C LEU A 335 -20.15 -20.97 19.16
N HIS A 336 -21.46 -21.06 19.40
CA HIS A 336 -22.09 -22.34 19.68
C HIS A 336 -21.98 -23.28 18.47
N ARG A 337 -22.22 -22.76 17.29
CA ARG A 337 -22.18 -23.65 16.10
C ARG A 337 -20.74 -24.09 15.88
N LEU A 338 -19.80 -23.16 16.00
CA LEU A 338 -18.41 -23.52 15.75
C LEU A 338 -17.93 -24.62 16.69
N LEU A 339 -18.52 -24.70 17.89
CA LEU A 339 -18.14 -25.73 18.83
C LEU A 339 -18.81 -27.06 18.54
N GLN A 340 -20.03 -27.04 17.98
CA GLN A 340 -20.75 -28.28 17.71
C GLN A 340 -20.13 -29.03 16.54
N GLU A 341 -19.75 -28.32 15.48
CA GLU A 341 -19.18 -28.93 14.29
C GLU A 341 -17.87 -29.67 14.59
N GLY B 24 8.58 43.61 -25.30
CA GLY B 24 8.87 43.53 -26.73
C GLY B 24 7.99 42.56 -27.49
N LEU B 25 7.05 41.95 -26.77
CA LEU B 25 6.11 41.02 -27.38
C LEU B 25 5.00 41.77 -28.09
N THR B 26 4.65 41.31 -29.30
CA THR B 26 3.52 41.90 -29.99
C THR B 26 2.22 41.53 -29.28
N GLU B 27 1.15 42.24 -29.63
CA GLU B 27 -0.15 41.94 -29.04
C GLU B 27 -0.61 40.54 -29.42
N GLU B 28 -0.44 40.17 -30.69
CA GLU B 28 -0.78 38.83 -31.14
C GLU B 28 0.01 37.78 -30.36
N GLN B 29 1.31 38.03 -30.14
CA GLN B 29 2.12 37.08 -29.39
C GLN B 29 1.70 37.02 -27.94
N ARG B 30 1.38 38.17 -27.34
CA ARG B 30 0.86 38.15 -25.97
C ARG B 30 -0.43 37.35 -25.89
N MET B 31 -1.29 37.49 -26.92
CA MET B 31 -2.54 36.74 -26.94
C MET B 31 -2.28 35.24 -27.08
N MET B 32 -1.26 34.87 -27.85
CA MET B 32 -0.94 33.47 -28.07
C MET B 32 -0.51 32.81 -26.76
N ILE B 33 0.35 33.50 -26.00
CA ILE B 33 0.85 32.95 -24.75
C ILE B 33 -0.26 32.93 -23.69
N ARG B 34 -1.20 33.86 -23.76
CA ARG B 34 -2.31 33.85 -22.80
C ARG B 34 -3.23 32.66 -23.04
N GLU B 35 -3.51 32.33 -24.31
CA GLU B 35 -4.41 31.22 -24.59
C GLU B 35 -3.76 29.88 -24.26
N LEU B 36 -2.46 29.75 -24.54
CA LEU B 36 -1.78 28.50 -24.21
C LEU B 36 -1.69 28.32 -22.70
N MET B 37 -1.37 29.39 -21.96
CA MET B 37 -1.29 29.31 -20.51
C MET B 37 -2.66 29.02 -19.90
N ASP B 38 -3.70 29.63 -20.45
CA ASP B 38 -5.07 29.35 -19.98
C ASP B 38 -5.46 27.91 -20.26
N ALA B 39 -5.14 27.42 -21.47
CA ALA B 39 -5.47 26.04 -21.81
C ALA B 39 -4.75 25.06 -20.89
N GLN B 40 -3.47 25.32 -20.59
CA GLN B 40 -2.73 24.45 -19.69
C GLN B 40 -3.38 24.40 -18.31
N MET B 41 -3.78 25.56 -17.78
CA MET B 41 -4.42 25.61 -16.48
C MET B 41 -5.72 24.81 -16.46
N LYS B 42 -6.47 24.83 -17.57
CA LYS B 42 -7.78 24.20 -17.61
C LYS B 42 -7.74 22.71 -17.87
N THR B 43 -6.59 22.17 -18.29
CA THR B 43 -6.52 20.78 -18.74
C THR B 43 -5.40 19.97 -18.10
N PHE B 44 -4.49 20.58 -17.36
CA PHE B 44 -3.42 19.87 -16.66
C PHE B 44 -3.81 19.73 -15.20
N ASP B 45 -4.22 18.52 -14.81
CA ASP B 45 -4.49 18.19 -13.41
C ASP B 45 -3.16 17.93 -12.71
N THR B 46 -2.52 19.01 -12.23
CA THR B 46 -1.21 18.88 -11.62
C THR B 46 -1.24 18.07 -10.33
N THR B 47 -2.36 18.13 -9.60
CA THR B 47 -2.52 17.37 -8.37
C THR B 47 -3.00 15.95 -8.61
N PHE B 48 -3.41 15.62 -9.84
CA PHE B 48 -3.89 14.29 -10.21
C PHE B 48 -5.08 13.85 -9.36
N SER B 49 -5.80 14.81 -8.79
CA SER B 49 -6.92 14.49 -7.91
C SER B 49 -8.07 13.81 -8.64
N HIS B 50 -8.14 13.95 -9.96
CA HIS B 50 -9.18 13.29 -10.75
C HIS B 50 -8.67 12.02 -11.42
N PHE B 51 -7.46 11.57 -11.10
CA PHE B 51 -6.94 10.29 -11.57
C PHE B 51 -7.38 9.23 -10.57
N LYS B 52 -8.43 8.47 -10.93
CA LYS B 52 -9.01 7.47 -10.05
C LYS B 52 -9.26 6.19 -10.83
N ASN B 53 -9.58 5.12 -10.09
CA ASN B 53 -9.91 3.82 -10.68
C ASN B 53 -8.79 3.28 -11.54
N PHE B 54 -7.56 3.43 -11.06
CA PHE B 54 -6.38 2.91 -11.73
C PHE B 54 -5.99 1.56 -11.17
N ARG B 55 -5.47 0.71 -12.04
CA ARG B 55 -4.95 -0.58 -11.60
C ARG B 55 -3.67 -0.41 -10.80
N LEU B 56 -3.49 -1.31 -9.83
CA LEU B 56 -2.29 -1.33 -9.01
C LEU B 56 -1.74 -2.74 -8.97
N PRO B 57 -0.43 -2.90 -8.72
CA PRO B 57 0.14 -4.25 -8.62
C PRO B 57 -0.53 -5.04 -7.50
N GLY B 58 -0.95 -6.26 -7.81
CA GLY B 58 -1.73 -7.02 -6.87
C GLY B 58 -0.96 -7.34 -5.60
N VAL B 59 -1.70 -7.43 -4.50
CA VAL B 59 -1.12 -7.74 -3.19
C VAL B 59 -0.78 -9.22 -3.10
N GLU B 77 11.61 -14.91 -30.23
CA GLU B 77 10.84 -15.29 -29.05
C GLU B 77 11.63 -15.02 -27.78
N ALA B 78 12.61 -15.88 -27.50
CA ALA B 78 13.45 -15.69 -26.33
C ALA B 78 14.30 -14.42 -26.45
N ALA B 79 14.75 -14.11 -27.67
CA ALA B 79 15.50 -12.87 -27.88
C ALA B 79 14.61 -11.65 -27.65
N LYS B 80 13.35 -11.74 -28.03
CA LYS B 80 12.41 -10.64 -27.79
C LYS B 80 12.23 -10.39 -26.30
N TRP B 81 12.23 -11.46 -25.50
CA TRP B 81 12.12 -11.28 -24.05
C TRP B 81 13.33 -10.57 -23.48
N SER B 82 14.53 -10.89 -23.97
CA SER B 82 15.75 -10.27 -23.45
C SER B 82 15.79 -8.77 -23.76
N GLN B 83 15.39 -8.39 -24.97
CA GLN B 83 15.30 -6.97 -25.30
C GLN B 83 14.28 -6.26 -24.42
N VAL B 84 13.07 -6.82 -24.34
CA VAL B 84 12.00 -6.22 -23.54
C VAL B 84 12.43 -6.11 -22.08
N ARG B 85 13.11 -7.13 -21.55
CA ARG B 85 13.52 -7.11 -20.15
C ARG B 85 14.45 -5.93 -19.88
N LYS B 86 15.36 -5.62 -20.82
CA LYS B 86 16.25 -4.47 -20.64
C LYS B 86 15.47 -3.16 -20.71
N ASP B 87 14.46 -3.09 -21.59
CA ASP B 87 13.63 -1.89 -21.71
C ASP B 87 13.04 -1.49 -20.36
N LEU B 88 12.37 -2.43 -19.70
CA LEU B 88 11.60 -2.11 -18.50
C LEU B 88 12.51 -1.85 -17.30
N CYS B 89 13.61 -2.58 -17.19
CA CYS B 89 14.53 -2.39 -16.06
C CYS B 89 15.21 -1.03 -16.09
N SER B 90 15.25 -0.38 -17.26
CA SER B 90 15.89 0.94 -17.36
C SER B 90 15.12 1.99 -16.56
N LEU B 91 13.82 1.80 -16.39
CA LEU B 91 12.94 2.81 -15.80
C LEU B 91 12.25 2.28 -14.55
N LYS B 92 12.99 1.53 -13.72
CA LYS B 92 12.40 0.98 -12.50
C LYS B 92 12.09 2.08 -11.51
N VAL B 93 10.86 2.09 -10.99
CA VAL B 93 10.40 3.11 -10.05
C VAL B 93 9.58 2.44 -8.96
N SER B 94 9.57 3.06 -7.78
CA SER B 94 8.68 2.69 -6.69
C SER B 94 7.48 3.65 -6.66
N LEU B 95 6.30 3.09 -6.41
CA LEU B 95 5.06 3.85 -6.41
C LEU B 95 4.66 4.19 -4.98
N GLN B 96 4.36 5.46 -4.74
CA GLN B 96 3.91 5.94 -3.45
C GLN B 96 2.52 6.53 -3.59
N LEU B 97 1.64 6.21 -2.65
CA LEU B 97 0.25 6.69 -2.64
C LEU B 97 0.01 7.43 -1.33
N ARG B 98 -0.08 8.75 -1.40
CA ARG B 98 -0.42 9.55 -0.23
C ARG B 98 -1.93 9.72 -0.17
N GLY B 99 -2.47 9.61 1.04
CA GLY B 99 -3.90 9.76 1.29
C GLY B 99 -4.18 11.06 2.00
N GLU B 100 -5.40 11.59 1.79
CA GLU B 100 -5.79 12.83 2.44
C GLU B 100 -5.69 12.72 3.95
N ASP B 101 -5.86 11.53 4.50
CA ASP B 101 -5.75 11.31 5.94
C ASP B 101 -4.33 11.47 6.45
N GLY B 102 -3.32 11.34 5.57
CA GLY B 102 -1.93 11.33 5.96
C GLY B 102 -1.25 9.99 5.82
N SER B 103 -2.01 8.93 5.54
CA SER B 103 -1.43 7.61 5.33
C SER B 103 -0.59 7.59 4.05
N VAL B 104 0.29 6.61 3.96
CA VAL B 104 1.14 6.43 2.78
C VAL B 104 1.25 4.95 2.47
N TRP B 105 0.78 4.55 1.29
CA TRP B 105 1.07 3.22 0.75
C TRP B 105 2.30 3.31 -0.15
N ASN B 106 3.27 2.44 0.10
CA ASN B 106 4.50 2.39 -0.69
C ASN B 106 4.63 1.01 -1.34
N TYR B 107 4.87 0.98 -2.64
CA TYR B 107 5.09 -0.24 -3.38
C TYR B 107 6.55 -0.32 -3.81
N LYS B 108 7.26 -1.31 -3.34
CA LYS B 108 8.60 -1.53 -3.85
C LYS B 108 8.56 -2.64 -4.89
N PRO B 109 9.09 -2.42 -6.08
CA PRO B 109 9.00 -3.44 -7.14
C PRO B 109 9.85 -4.65 -6.83
N PRO B 110 9.53 -5.81 -7.39
CA PRO B 110 10.42 -6.96 -7.26
C PRO B 110 11.69 -6.79 -8.09
N ALA B 111 12.72 -7.52 -7.69
CA ALA B 111 14.00 -7.49 -8.40
C ALA B 111 13.89 -8.24 -9.73
N ASP B 112 14.84 -7.94 -10.63
CA ASP B 112 14.80 -8.46 -12.00
C ASP B 112 15.36 -9.89 -12.02
N SER B 113 14.52 -10.83 -11.61
CA SER B 113 14.83 -12.25 -11.67
C SER B 113 13.59 -12.99 -12.14
N GLY B 114 13.80 -14.00 -12.98
CA GLY B 114 12.68 -14.68 -13.60
C GLY B 114 12.06 -13.83 -14.70
N GLY B 115 10.81 -14.16 -15.02
CA GLY B 115 10.07 -13.43 -16.03
C GLY B 115 8.65 -13.17 -15.57
N LYS B 116 8.05 -12.15 -16.19
CA LYS B 116 6.74 -11.58 -15.85
C LYS B 116 6.78 -10.81 -14.53
N GLU B 117 7.96 -10.61 -13.95
CA GLU B 117 8.09 -9.71 -12.81
C GLU B 117 8.18 -8.27 -13.26
N ILE B 118 8.75 -8.02 -14.45
CA ILE B 118 8.90 -6.66 -14.93
C ILE B 118 7.56 -6.02 -15.28
N PHE B 119 6.52 -6.81 -15.50
CA PHE B 119 5.21 -6.31 -15.91
C PHE B 119 4.33 -5.90 -14.73
N SER B 120 4.92 -5.69 -13.55
CA SER B 120 4.13 -5.44 -12.36
C SER B 120 3.40 -4.10 -12.44
N LEU B 121 4.12 -3.03 -12.72
CA LEU B 121 3.56 -1.68 -12.74
C LEU B 121 3.12 -1.24 -14.13
N LEU B 122 3.26 -2.10 -15.13
CA LEU B 122 2.84 -1.72 -16.49
C LEU B 122 1.35 -1.39 -16.58
N PRO B 123 0.42 -2.21 -16.07
CA PRO B 123 -0.99 -1.83 -16.17
C PRO B 123 -1.30 -0.49 -15.50
N HIS B 124 -0.64 -0.20 -14.37
CA HIS B 124 -0.86 1.08 -13.72
C HIS B 124 -0.32 2.24 -14.56
N MET B 125 0.87 2.07 -15.14
CA MET B 125 1.44 3.11 -15.99
C MET B 125 0.67 3.28 -17.29
N ALA B 126 -0.05 2.25 -17.71
CA ALA B 126 -0.92 2.36 -18.87
C ALA B 126 -2.17 3.19 -18.53
N ASP B 127 -2.72 2.96 -17.33
CA ASP B 127 -3.84 3.76 -16.88
C ASP B 127 -3.44 5.20 -16.60
N MET B 128 -2.21 5.41 -16.11
CA MET B 128 -1.73 6.76 -15.90
C MET B 128 -1.46 7.48 -17.22
N SER B 129 -0.82 6.79 -18.17
CA SER B 129 -0.55 7.40 -19.47
C SER B 129 -1.85 7.78 -20.17
N THR B 130 -2.85 6.91 -20.10
CA THR B 130 -4.14 7.21 -20.72
C THR B 130 -4.78 8.45 -20.10
N TYR B 131 -4.71 8.58 -18.78
CA TYR B 131 -5.26 9.76 -18.12
C TYR B 131 -4.52 11.02 -18.54
N MET B 132 -3.19 10.97 -18.60
CA MET B 132 -2.41 12.12 -19.05
C MET B 132 -2.80 12.53 -20.47
N PHE B 133 -3.03 11.54 -21.35
CA PHE B 133 -3.33 11.86 -22.74
C PHE B 133 -4.70 12.50 -22.88
N LYS B 134 -5.68 12.04 -22.09
CA LYS B 134 -7.00 12.67 -22.14
C LYS B 134 -6.90 14.15 -21.79
N GLY B 135 -6.00 14.50 -20.87
CA GLY B 135 -5.75 15.91 -20.59
C GLY B 135 -5.07 16.60 -21.75
N ILE B 136 -4.18 15.89 -22.45
CA ILE B 136 -3.52 16.44 -23.63
C ILE B 136 -4.57 16.73 -24.72
N ILE B 137 -5.50 15.81 -24.92
CA ILE B 137 -6.59 16.05 -25.87
C ILE B 137 -7.34 17.32 -25.50
N SER B 138 -7.76 17.43 -24.23
CA SER B 138 -8.48 18.63 -23.79
C SER B 138 -7.63 19.87 -23.96
N PHE B 139 -6.31 19.76 -23.76
CA PHE B 139 -5.41 20.88 -24.00
C PHE B 139 -5.52 21.38 -25.44
N ALA B 140 -5.47 20.45 -26.40
CA ALA B 140 -5.51 20.85 -27.80
C ALA B 140 -6.88 21.40 -28.19
N LYS B 141 -7.95 20.88 -27.60
CA LYS B 141 -9.30 21.34 -27.95
C LYS B 141 -9.52 22.80 -27.57
N VAL B 142 -8.92 23.24 -26.45
CA VAL B 142 -9.10 24.63 -26.04
C VAL B 142 -8.41 25.58 -27.01
N ILE B 143 -7.31 25.14 -27.63
CA ILE B 143 -6.54 26.01 -28.51
C ILE B 143 -7.35 26.32 -29.77
N SER B 144 -7.52 27.61 -30.06
CA SER B 144 -8.31 28.01 -31.21
C SER B 144 -7.67 27.54 -32.51
N TYR B 145 -6.35 27.69 -32.64
CA TYR B 145 -5.67 27.30 -33.87
C TYR B 145 -5.81 25.80 -34.13
N PHE B 146 -5.97 25.00 -33.07
CA PHE B 146 -6.13 23.57 -33.22
C PHE B 146 -7.58 23.18 -33.48
N ARG B 147 -8.52 23.87 -32.82
CA ARG B 147 -9.93 23.51 -32.95
C ARG B 147 -10.45 23.75 -34.37
N ASP B 148 -9.91 24.76 -35.07
CA ASP B 148 -10.35 25.07 -36.42
C ASP B 148 -9.73 24.16 -37.48
N LEU B 149 -8.78 23.31 -37.11
CA LEU B 149 -8.20 22.38 -38.06
C LEU B 149 -9.21 21.28 -38.41
N PRO B 150 -9.05 20.64 -39.56
CA PRO B 150 -9.90 19.49 -39.89
C PRO B 150 -9.76 18.39 -38.85
N ILE B 151 -10.85 17.63 -38.65
CA ILE B 151 -10.87 16.62 -37.61
C ILE B 151 -9.84 15.52 -37.86
N GLU B 152 -9.50 15.27 -39.12
CA GLU B 152 -8.51 14.23 -39.41
C GLU B 152 -7.10 14.69 -39.08
N ASP B 153 -6.82 15.98 -39.30
CA ASP B 153 -5.53 16.53 -38.89
C ASP B 153 -5.43 16.62 -37.38
N GLN B 154 -6.52 17.00 -36.72
CA GLN B 154 -6.56 16.99 -35.25
C GLN B 154 -6.22 15.61 -34.72
N ILE B 155 -6.83 14.57 -35.29
CA ILE B 155 -6.53 13.20 -34.88
C ILE B 155 -5.07 12.87 -35.18
N SER B 156 -4.59 13.25 -36.36
CA SER B 156 -3.23 12.90 -36.77
C SER B 156 -2.19 13.66 -35.96
N LEU B 157 -2.46 14.93 -35.64
CA LEU B 157 -1.53 15.70 -34.85
C LEU B 157 -1.44 15.19 -33.42
N LEU B 158 -2.58 14.89 -32.80
CA LEU B 158 -2.57 14.33 -31.45
C LEU B 158 -1.97 12.91 -31.45
N LYS B 159 -2.23 12.14 -32.50
CA LYS B 159 -1.64 10.81 -32.59
C LYS B 159 -0.12 10.85 -32.65
N GLY B 160 0.44 11.93 -33.20
CA GLY B 160 1.87 12.01 -33.36
C GLY B 160 2.60 12.72 -32.24
N ALA B 161 1.88 13.52 -31.45
CA ALA B 161 2.47 14.30 -30.38
C ALA B 161 2.07 13.83 -28.99
N ALA B 162 1.31 12.73 -28.89
CA ALA B 162 0.78 12.29 -27.61
C ALA B 162 1.88 12.03 -26.60
N PHE B 163 2.84 11.17 -26.96
CA PHE B 163 3.94 10.84 -26.07
C PHE B 163 4.77 12.07 -25.73
N GLU B 164 4.99 12.95 -26.71
CA GLU B 164 5.86 14.11 -26.49
C GLU B 164 5.20 15.10 -25.54
N LEU B 165 3.94 15.44 -25.78
CA LEU B 165 3.25 16.33 -24.85
C LEU B 165 3.11 15.70 -23.48
N CYS B 166 3.00 14.37 -23.43
CA CYS B 166 2.91 13.70 -22.14
C CYS B 166 4.22 13.79 -21.37
N GLN B 167 5.35 13.61 -22.05
CA GLN B 167 6.64 13.71 -21.38
C GLN B 167 6.97 15.14 -20.98
N LEU B 168 6.52 16.13 -21.76
CA LEU B 168 6.75 17.52 -21.39
C LEU B 168 6.03 17.86 -20.10
N ARG B 169 4.81 17.34 -19.93
CA ARG B 169 4.08 17.60 -18.70
C ARG B 169 4.67 16.86 -17.52
N PHE B 170 5.13 15.62 -17.74
CA PHE B 170 5.82 14.88 -16.68
C PHE B 170 7.01 15.65 -16.16
N ASN B 171 7.72 16.35 -17.04
CA ASN B 171 8.94 17.05 -16.64
C ASN B 171 8.64 18.18 -15.66
N THR B 172 7.46 18.80 -15.74
CA THR B 172 7.14 19.91 -14.84
C THR B 172 6.90 19.46 -13.40
N VAL B 173 6.62 18.18 -13.19
CA VAL B 173 6.50 17.62 -11.84
C VAL B 173 7.67 16.72 -11.49
N PHE B 174 8.66 16.61 -12.37
CA PHE B 174 9.85 15.82 -12.07
C PHE B 174 10.73 16.56 -11.08
N ASN B 175 11.20 15.85 -10.06
CA ASN B 175 12.15 16.38 -9.09
C ASN B 175 13.51 15.77 -9.37
N ALA B 176 14.43 16.59 -9.90
CA ALA B 176 15.72 16.07 -10.33
C ALA B 176 16.61 15.69 -9.15
N GLU B 177 16.44 16.33 -7.99
CA GLU B 177 17.28 16.03 -6.84
C GLU B 177 16.91 14.69 -6.21
N THR B 178 15.64 14.31 -6.27
CA THR B 178 15.18 13.05 -5.72
C THR B 178 14.89 11.99 -6.77
N GLY B 179 14.91 12.35 -8.06
CA GLY B 179 14.57 11.39 -9.10
C GLY B 179 13.14 10.90 -9.01
N THR B 180 12.21 11.81 -8.70
CA THR B 180 10.82 11.45 -8.45
C THR B 180 9.90 12.35 -9.26
N TRP B 181 8.90 11.73 -9.90
CA TRP B 181 7.81 12.45 -10.54
C TRP B 181 6.69 12.62 -9.50
N GLU B 182 6.51 13.85 -9.02
CA GLU B 182 5.59 14.16 -7.94
C GLU B 182 4.23 14.50 -8.53
N CYS B 183 3.39 13.49 -8.64
CA CYS B 183 2.08 13.62 -9.29
C CYS B 183 0.96 13.72 -8.24
N GLY B 184 1.05 14.74 -7.41
CA GLY B 184 0.03 14.93 -6.39
C GLY B 184 0.10 13.81 -5.36
N ARG B 185 -1.01 13.09 -5.21
CA ARG B 185 -1.06 12.01 -4.24
C ARG B 185 -0.11 10.87 -4.60
N LEU B 186 0.14 10.68 -5.89
CA LEU B 186 1.03 9.63 -6.36
C LEU B 186 2.43 10.18 -6.59
N SER B 187 3.44 9.37 -6.25
CA SER B 187 4.83 9.69 -6.52
C SER B 187 5.50 8.48 -7.15
N TYR B 188 6.42 8.75 -8.09
CA TYR B 188 7.11 7.71 -8.85
C TYR B 188 8.61 7.97 -8.69
N CYS B 189 9.25 7.24 -7.80
CA CYS B 189 10.65 7.46 -7.45
C CYS B 189 11.53 6.40 -8.11
N LEU B 190 12.53 6.87 -8.85
CA LEU B 190 13.46 5.97 -9.54
C LEU B 190 14.23 5.11 -8.53
N GLU B 191 14.24 3.80 -8.77
CA GLU B 191 15.03 2.89 -7.95
C GLU B 191 16.52 3.08 -8.23
N ASP B 192 17.33 2.91 -7.19
CA ASP B 192 18.77 3.04 -7.34
C ASP B 192 19.34 1.91 -8.20
N THR B 193 20.49 2.17 -8.81
CA THR B 193 21.15 1.22 -9.67
C THR B 193 22.61 1.07 -9.25
N ALA B 194 23.26 0.01 -9.77
CA ALA B 194 24.65 -0.25 -9.42
C ALA B 194 25.58 0.81 -9.98
N GLY B 195 25.31 1.28 -11.20
CA GLY B 195 26.10 2.37 -11.78
C GLY B 195 25.72 3.75 -11.27
N GLY B 196 24.52 3.90 -10.74
CA GLY B 196 24.08 5.16 -10.16
C GLY B 196 23.64 6.20 -11.16
N PHE B 197 24.05 7.45 -10.95
CA PHE B 197 23.65 8.54 -11.84
C PHE B 197 24.18 8.33 -13.25
N GLN B 198 25.38 7.76 -13.37
CA GLN B 198 25.99 7.59 -14.69
C GLN B 198 25.28 6.51 -15.51
N GLN B 199 24.91 5.39 -14.88
CA GLN B 199 24.22 4.33 -15.60
C GLN B 199 22.82 4.76 -16.00
N LEU B 200 22.11 5.47 -15.12
CA LEU B 200 20.78 5.97 -15.46
C LEU B 200 20.85 6.95 -16.62
N LEU B 201 21.88 7.79 -16.66
CA LEU B 201 22.01 8.78 -17.72
C LEU B 201 22.13 8.14 -19.11
N LEU B 202 22.46 6.86 -19.17
CA LEU B 202 22.51 6.17 -20.45
C LEU B 202 21.11 5.90 -21.02
N GLU B 203 20.07 6.05 -20.23
CA GLU B 203 18.71 5.90 -20.74
C GLU B 203 18.25 7.22 -21.34
N PRO B 204 17.90 7.27 -22.63
CA PRO B 204 17.58 8.57 -23.25
C PRO B 204 16.42 9.29 -22.59
N MET B 205 15.34 8.57 -22.24
CA MET B 205 14.21 9.20 -21.58
C MET B 205 14.62 9.84 -20.26
N LEU B 206 15.38 9.11 -19.45
CA LEU B 206 15.85 9.67 -18.19
C LEU B 206 16.79 10.85 -18.44
N LYS B 207 17.64 10.74 -19.45
CA LYS B 207 18.54 11.84 -19.77
C LYS B 207 17.77 13.06 -20.24
N PHE B 208 16.68 12.86 -20.99
CA PHE B 208 15.87 13.99 -21.44
C PHE B 208 15.28 14.76 -20.27
N HIS B 209 14.79 14.04 -19.25
CA HIS B 209 14.15 14.73 -18.12
C HIS B 209 15.15 15.50 -17.29
N TYR B 210 16.35 14.96 -17.09
CA TYR B 210 17.35 15.68 -16.31
C TYR B 210 17.87 16.90 -17.07
N MET B 211 18.13 16.77 -18.37
CA MET B 211 18.65 17.90 -19.13
C MET B 211 17.62 19.01 -19.22
N LEU B 212 16.36 18.66 -19.50
CA LEU B 212 15.33 19.68 -19.64
C LEU B 212 15.01 20.33 -18.29
N LYS B 213 15.06 19.56 -17.20
CA LYS B 213 14.84 20.16 -15.89
C LYS B 213 15.95 21.15 -15.54
N LYS B 214 17.16 20.91 -16.03
CA LYS B 214 18.27 21.81 -15.70
C LYS B 214 18.15 23.15 -16.41
N LEU B 215 17.40 23.21 -17.51
CA LEU B 215 17.15 24.48 -18.18
C LEU B 215 16.26 25.42 -17.36
N GLN B 216 15.56 24.91 -16.33
CA GLN B 216 14.76 25.73 -15.42
C GLN B 216 13.72 26.55 -16.19
N LEU B 217 12.99 25.89 -17.08
CA LEU B 217 12.09 26.61 -17.97
C LEU B 217 10.90 27.17 -17.20
N HIS B 218 10.34 28.24 -17.74
CA HIS B 218 9.11 28.80 -17.20
C HIS B 218 7.90 28.05 -17.76
N GLU B 219 6.75 28.25 -17.10
CA GLU B 219 5.51 27.63 -17.56
C GLU B 219 5.21 28.02 -19.01
N GLU B 220 5.48 29.28 -19.37
CA GLU B 220 5.21 29.74 -20.73
C GLU B 220 6.09 29.02 -21.75
N GLU B 221 7.34 28.75 -21.39
CA GLU B 221 8.23 28.09 -22.33
C GLU B 221 7.86 26.62 -22.51
N TYR B 222 7.39 25.95 -21.45
CA TYR B 222 6.87 24.59 -21.58
C TYR B 222 5.65 24.54 -22.48
N VAL B 223 4.71 25.46 -22.26
CA VAL B 223 3.46 25.41 -23.02
C VAL B 223 3.70 25.75 -24.48
N LEU B 224 4.66 26.63 -24.77
CA LEU B 224 5.05 26.89 -26.15
C LEU B 224 5.78 25.69 -26.75
N MET B 225 6.58 24.97 -25.95
CA MET B 225 7.14 23.71 -26.42
C MET B 225 6.04 22.72 -26.77
N GLN B 226 5.03 22.60 -25.89
CA GLN B 226 3.91 21.70 -26.17
C GLN B 226 3.21 22.09 -27.46
N ALA B 227 3.04 23.40 -27.69
CA ALA B 227 2.38 23.85 -28.91
C ALA B 227 3.23 23.52 -30.13
N ILE B 228 4.53 23.79 -30.07
CA ILE B 228 5.43 23.50 -31.19
C ILE B 228 5.43 22.02 -31.51
N SER B 229 5.41 21.18 -30.47
CA SER B 229 5.37 19.74 -30.70
C SER B 229 4.04 19.30 -31.29
N LEU B 230 2.95 19.92 -30.84
CA LEU B 230 1.62 19.54 -31.31
C LEU B 230 1.44 19.89 -32.79
N PHE B 231 1.75 21.12 -33.16
CA PHE B 231 1.55 21.59 -34.53
C PHE B 231 2.76 21.24 -35.40
N SER B 232 2.97 19.94 -35.56
CA SER B 232 4.06 19.46 -36.40
C SER B 232 3.52 19.07 -37.76
N PRO B 233 3.91 19.76 -38.84
CA PRO B 233 3.30 19.47 -40.14
C PRO B 233 3.70 18.12 -40.71
N ASP B 234 4.86 17.59 -40.32
CA ASP B 234 5.37 16.35 -40.87
C ASP B 234 4.94 15.11 -40.09
N ARG B 235 3.88 15.21 -39.29
CA ARG B 235 3.32 14.03 -38.66
C ARG B 235 2.62 13.16 -39.70
N PRO B 236 2.65 11.84 -39.53
CA PRO B 236 1.93 10.96 -40.45
C PRO B 236 0.45 11.26 -40.48
N GLY B 237 -0.09 11.43 -41.69
CA GLY B 237 -1.51 11.63 -41.89
C GLY B 237 -1.96 13.06 -42.00
N VAL B 238 -1.07 14.03 -41.81
CA VAL B 238 -1.47 15.44 -41.89
C VAL B 238 -1.67 15.81 -43.35
N LEU B 239 -2.76 16.51 -43.63
CA LEU B 239 -3.07 17.00 -44.97
C LEU B 239 -2.82 18.49 -45.13
N GLN B 240 -3.18 19.28 -44.12
CA GLN B 240 -2.93 20.72 -44.13
C GLN B 240 -1.51 21.05 -43.68
N HIS B 241 -0.54 20.43 -44.34
CA HIS B 241 0.87 20.63 -43.99
C HIS B 241 1.21 22.11 -43.89
N ARG B 242 0.79 22.90 -44.89
CA ARG B 242 1.17 24.31 -44.93
C ARG B 242 0.54 25.09 -43.78
N VAL B 243 -0.73 24.80 -43.46
CA VAL B 243 -1.39 25.50 -42.37
C VAL B 243 -0.76 25.17 -41.03
N VAL B 244 -0.48 23.88 -40.79
CA VAL B 244 0.16 23.48 -39.55
C VAL B 244 1.57 24.06 -39.45
N ASP B 245 2.30 24.09 -40.57
CA ASP B 245 3.66 24.61 -40.56
C ASP B 245 3.68 26.11 -40.26
N GLN B 246 2.74 26.86 -40.81
CA GLN B 246 2.65 28.28 -40.49
C GLN B 246 2.36 28.48 -39.01
N LEU B 247 1.42 27.71 -38.46
CA LEU B 247 1.13 27.78 -37.03
C LEU B 247 2.36 27.46 -36.21
N GLN B 248 3.11 26.42 -36.60
CA GLN B 248 4.28 26.01 -35.84
C GLN B 248 5.32 27.13 -35.79
N GLU B 249 5.63 27.73 -36.95
CA GLU B 249 6.67 28.75 -36.97
C GLU B 249 6.29 29.93 -36.09
N GLN B 250 5.01 30.30 -36.06
CA GLN B 250 4.59 31.44 -35.24
C GLN B 250 4.72 31.11 -33.75
N PHE B 251 4.37 29.89 -33.35
CA PHE B 251 4.60 29.48 -31.96
C PHE B 251 6.09 29.53 -31.62
N ALA B 252 6.94 29.10 -32.55
CA ALA B 252 8.38 29.14 -32.29
C ALA B 252 8.91 30.57 -32.24
N ILE B 253 8.41 31.44 -33.11
CA ILE B 253 8.81 32.84 -33.10
C ILE B 253 8.40 33.49 -31.79
N THR B 254 7.23 33.13 -31.28
CA THR B 254 6.76 33.66 -30.01
C THR B 254 7.60 33.17 -28.84
N LEU B 255 8.08 31.92 -28.91
CA LEU B 255 8.99 31.44 -27.87
C LEU B 255 10.31 32.19 -27.91
N LYS B 256 10.86 32.39 -29.10
CA LYS B 256 12.11 33.14 -29.23
C LYS B 256 11.96 34.55 -28.69
N SER B 257 10.83 35.19 -28.95
CA SER B 257 10.61 36.55 -28.45
C SER B 257 10.49 36.56 -26.93
N TYR B 258 9.66 35.67 -26.38
CA TYR B 258 9.48 35.62 -24.93
C TYR B 258 10.81 35.48 -24.20
N ILE B 259 11.69 34.62 -24.71
CA ILE B 259 12.98 34.42 -24.07
C ILE B 259 13.80 35.70 -24.12
N GLU B 260 13.72 36.44 -25.23
CA GLU B 260 14.50 37.66 -25.38
C GLU B 260 14.04 38.75 -24.43
N CYS B 261 12.76 38.77 -24.06
CA CYS B 261 12.23 39.83 -23.20
C CYS B 261 12.41 39.53 -21.71
N ASN B 262 12.43 38.26 -21.31
CA ASN B 262 12.37 37.90 -19.90
C ASN B 262 13.56 37.08 -19.41
N ARG B 263 14.56 36.80 -20.25
CA ARG B 263 15.69 35.95 -19.89
C ARG B 263 17.02 36.61 -20.29
N PRO B 264 17.43 37.66 -19.59
CA PRO B 264 18.70 38.32 -19.91
C PRO B 264 19.91 37.75 -19.20
N GLN B 265 19.77 36.67 -18.43
CA GLN B 265 20.88 36.12 -17.69
C GLN B 265 21.82 35.36 -18.62
N PRO B 266 23.13 35.39 -18.33
CA PRO B 266 24.08 34.64 -19.16
C PRO B 266 23.88 33.14 -19.13
N ALA B 267 23.26 32.61 -18.07
CA ALA B 267 22.97 31.18 -18.00
C ALA B 267 21.94 30.76 -19.05
N HIS B 268 21.16 31.71 -19.57
CA HIS B 268 20.10 31.40 -20.52
C HIS B 268 20.48 31.78 -21.95
N ARG B 269 21.77 31.98 -22.22
CA ARG B 269 22.21 32.20 -23.58
C ARG B 269 21.93 30.96 -24.43
N PHE B 270 21.44 31.19 -25.65
CA PHE B 270 21.09 30.13 -26.60
C PHE B 270 19.97 29.25 -26.09
N LEU B 271 19.12 29.77 -25.18
CA LEU B 271 18.09 28.94 -24.58
C LEU B 271 17.06 28.49 -25.62
N PHE B 272 16.73 29.36 -26.58
CA PHE B 272 15.76 29.00 -27.60
C PHE B 272 16.27 27.86 -28.46
N LEU B 273 17.53 27.94 -28.90
CA LEU B 273 18.11 26.85 -29.69
C LEU B 273 18.29 25.58 -28.87
N LYS B 274 18.57 25.72 -27.57
CA LYS B 274 18.63 24.56 -26.70
C LYS B 274 17.27 23.88 -26.61
N ILE B 275 16.22 24.68 -26.41
CA ILE B 275 14.87 24.14 -26.32
C ILE B 275 14.48 23.46 -27.63
N MET B 276 14.76 24.11 -28.75
CA MET B 276 14.46 23.51 -30.04
C MET B 276 15.24 22.22 -30.25
N ALA B 277 16.46 22.16 -29.74
CA ALA B 277 17.24 20.92 -29.82
C ALA B 277 16.64 19.83 -28.94
N MET B 278 16.23 20.19 -27.72
CA MET B 278 15.57 19.23 -26.85
C MET B 278 14.28 18.71 -27.47
N LEU B 279 13.54 19.56 -28.18
CA LEU B 279 12.34 19.11 -28.87
C LEU B 279 12.66 18.12 -29.98
N THR B 280 13.80 18.29 -30.65
CA THR B 280 14.21 17.34 -31.67
C THR B 280 14.65 16.02 -31.05
N GLU B 281 15.28 16.08 -29.88
CA GLU B 281 15.65 14.85 -29.19
C GLU B 281 14.42 14.08 -28.72
N LEU B 282 13.42 14.81 -28.21
CA LEU B 282 12.19 14.16 -27.75
C LEU B 282 11.48 13.45 -28.90
N ARG B 283 11.47 14.06 -30.09
CA ARG B 283 10.89 13.40 -31.25
C ARG B 283 11.61 12.10 -31.56
N SER B 284 12.94 12.10 -31.44
CA SER B 284 13.70 10.87 -31.64
C SER B 284 13.33 9.82 -30.61
N ILE B 285 13.23 10.21 -29.34
CA ILE B 285 12.90 9.28 -28.27
C ILE B 285 11.50 8.72 -28.46
N ASN B 286 10.56 9.53 -28.97
CA ASN B 286 9.21 9.04 -29.22
C ASN B 286 9.22 7.84 -30.15
N ALA B 287 10.05 7.86 -31.19
CA ALA B 287 10.15 6.73 -32.10
C ALA B 287 10.70 5.50 -31.40
N GLN B 288 11.75 5.67 -30.59
CA GLN B 288 12.30 4.56 -29.83
C GLN B 288 11.24 3.89 -28.98
N HIS B 289 10.50 4.69 -28.20
CA HIS B 289 9.53 4.15 -27.26
C HIS B 289 8.19 3.84 -27.90
N THR B 290 7.99 4.20 -29.17
CA THR B 290 6.84 3.67 -29.90
C THR B 290 7.08 2.21 -30.27
N GLN B 291 8.31 1.87 -30.66
CA GLN B 291 8.62 0.49 -31.01
C GLN B 291 8.80 -0.37 -29.76
N ARG B 292 9.41 0.18 -28.71
CA ARG B 292 9.42 -0.51 -27.43
C ARG B 292 8.01 -0.88 -26.99
N TRP B 293 7.11 0.10 -27.04
CA TRP B 293 5.73 -0.12 -26.62
C TRP B 293 5.08 -1.25 -27.42
N LEU B 294 5.36 -1.32 -28.72
CA LEU B 294 4.73 -2.34 -29.55
C LEU B 294 5.32 -3.73 -29.30
N ARG B 295 6.64 -3.80 -29.05
CA ARG B 295 7.24 -5.06 -28.62
C ARG B 295 6.62 -5.54 -27.33
N ILE B 296 6.51 -4.66 -26.34
CA ILE B 296 5.99 -5.04 -25.04
C ILE B 296 4.51 -5.42 -25.12
N GLN B 297 3.75 -4.75 -25.99
CA GLN B 297 2.34 -5.09 -26.14
C GLN B 297 2.16 -6.46 -26.79
N ASP B 298 3.03 -6.79 -27.75
CA ASP B 298 2.97 -8.11 -28.40
C ASP B 298 3.23 -9.22 -27.40
N ILE B 299 4.31 -9.10 -26.62
CA ILE B 299 4.66 -10.13 -25.65
C ILE B 299 3.62 -10.19 -24.53
N HIS B 300 3.08 -9.03 -24.13
CA HIS B 300 2.12 -8.94 -23.04
C HIS B 300 1.16 -7.78 -23.27
N PRO B 301 -0.13 -8.03 -23.50
CA PRO B 301 -1.07 -6.96 -23.81
C PRO B 301 -1.46 -6.17 -22.57
N PHE B 302 -0.96 -4.94 -22.47
CA PHE B 302 -1.19 -4.08 -21.32
C PHE B 302 -1.92 -2.80 -21.67
N ALA B 303 -2.22 -2.56 -22.93
CA ALA B 303 -2.69 -1.26 -23.37
C ALA B 303 -4.17 -1.06 -23.09
N THR B 304 -4.54 0.19 -22.80
CA THR B 304 -5.94 0.59 -22.70
C THR B 304 -6.52 0.76 -24.10
N PRO B 305 -7.86 0.79 -24.22
CA PRO B 305 -8.46 0.99 -25.54
C PRO B 305 -7.97 2.24 -26.26
N LEU B 306 -7.76 3.35 -25.54
CA LEU B 306 -7.34 4.58 -26.20
C LEU B 306 -5.88 4.49 -26.65
N MET B 307 -5.02 3.86 -25.84
CA MET B 307 -3.62 3.73 -26.25
C MET B 307 -3.46 2.80 -27.45
N GLN B 308 -4.30 1.76 -27.55
CA GLN B 308 -4.25 0.89 -28.72
C GLN B 308 -4.57 1.65 -29.99
N GLU B 309 -5.49 2.61 -29.91
CA GLU B 309 -5.82 3.42 -31.09
C GLU B 309 -4.65 4.30 -31.49
N LEU B 310 -3.95 4.87 -30.51
CA LEU B 310 -2.81 5.73 -30.82
C LEU B 310 -1.69 4.97 -31.51
N PHE B 311 -1.58 3.66 -31.26
CA PHE B 311 -0.51 2.85 -31.83
C PHE B 311 -0.99 1.97 -32.98
N GLY B 312 -2.17 2.23 -33.52
CA GLY B 312 -2.65 1.48 -34.66
C GLY B 312 -2.11 2.01 -35.97
N ILE B 313 -1.17 1.29 -36.58
CA ILE B 313 -0.60 1.70 -37.85
C ILE B 313 -1.07 0.76 -38.96
N SER B 327 -10.38 5.09 -43.13
CA SER B 327 -10.91 6.22 -42.39
C SER B 327 -10.19 6.41 -41.05
N LEU B 328 -9.50 7.54 -40.90
CA LEU B 328 -8.83 7.85 -39.65
C LEU B 328 -9.83 7.94 -38.50
N THR B 329 -10.98 8.56 -38.74
CA THR B 329 -11.98 8.71 -37.67
C THR B 329 -12.55 7.36 -37.26
N GLU B 330 -12.74 6.45 -38.21
CA GLU B 330 -13.29 5.14 -37.88
C GLU B 330 -12.30 4.30 -37.10
N ARG B 331 -11.01 4.42 -37.41
CA ARG B 331 -10.00 3.66 -36.70
C ARG B 331 -9.78 4.19 -35.29
N HIS B 332 -10.04 5.46 -35.06
CA HIS B 332 -9.87 6.11 -33.76
C HIS B 332 -11.22 6.62 -33.27
N LYS B 333 -12.13 5.69 -32.97
CA LYS B 333 -13.48 6.07 -32.57
C LYS B 333 -13.50 6.79 -31.22
N ILE B 334 -12.66 6.35 -30.28
CA ILE B 334 -12.63 6.98 -28.97
C ILE B 334 -12.06 8.39 -29.06
N LEU B 335 -10.95 8.54 -29.78
CA LEU B 335 -10.34 9.87 -29.93
C LEU B 335 -11.26 10.82 -30.69
N HIS B 336 -11.98 10.30 -31.68
CA HIS B 336 -12.93 11.14 -32.41
C HIS B 336 -14.05 11.63 -31.51
N ARG B 337 -14.56 10.75 -30.63
CA ARG B 337 -15.63 11.15 -29.72
C ARG B 337 -15.14 12.23 -28.75
N LEU B 338 -13.96 12.02 -28.17
CA LEU B 338 -13.41 12.98 -27.22
C LEU B 338 -13.20 14.34 -27.88
N LEU B 339 -12.68 14.35 -29.11
CA LEU B 339 -12.48 15.62 -29.81
C LEU B 339 -13.80 16.32 -30.10
N GLN B 340 -14.88 15.56 -30.28
CA GLN B 340 -16.17 16.18 -30.54
C GLN B 340 -16.86 16.64 -29.26
N GLU B 341 -16.57 16.00 -28.14
CA GLU B 341 -17.17 16.40 -26.88
C GLU B 341 -16.65 17.77 -26.46
N GLY B 342 -17.30 18.33 -25.43
CA GLY B 342 -16.91 19.62 -24.89
C GLY B 342 -16.07 19.48 -23.63
N SER B 343 -15.75 20.64 -23.06
CA SER B 343 -14.92 20.69 -21.86
C SER B 343 -15.78 20.67 -20.59
C16 WU2 C . -4.12 -0.93 15.75
C17 WU2 C . -3.21 -0.28 14.68
C18 WU2 C . -4.35 0.06 16.91
C23 WU2 C . -8.79 -6.80 18.67
C22 WU2 C . -7.48 -7.52 19.02
C21 WU2 C . -6.19 -7.12 18.65
C20 WU2 C . -4.22 -3.24 16.87
C19 WU2 C . -5.47 -1.28 15.11
C14 WU2 C . -2.04 -2.40 16.18
C13 WU2 C . -1.41 -3.57 16.66
C15 WU2 C . -3.43 -2.23 16.29
C12 WU2 C . 0.01 -9.02 14.75
C11 WU2 C . -0.84 -8.38 15.84
C10 WU2 C . -0.69 -6.85 15.86
C01 WU2 C . -9.84 -13.05 20.03
C02 WU2 C . -5.74 -5.88 17.83
C03 WU2 C . -11.99 -11.31 23.31
C04 WU2 C . -3.59 -4.41 17.34
C05 WU2 C . -2.21 -4.57 17.25
C07 WU2 C . -0.47 -6.28 17.25
C08 WU2 C . 0.01 -7.37 18.22
C09 WU2 C . -0.40 -7.04 19.67
C27 WU2 C . -8.43 -9.48 20.35
C28 WU2 C . -9.23 -8.94 21.37
C30 WU2 C . -9.76 -7.11 22.85
C31 WU2 C . -10.24 -9.72 21.95
C32 WU2 C . -10.44 -11.05 21.52
C33 WU2 C . -9.63 -11.59 20.51
C36 WU2 C . -8.62 -10.80 19.93
N03 WU2 C . -4.31 -5.53 17.99
N24 WU2 C . -7.35 -8.65 19.74
N25 WU2 C . -6.03 -8.97 19.83
N26 WU2 C . -5.32 -8.00 19.15
O01 WU2 C . -6.47 -5.28 17.11
O06 WU2 C . -1.68 -5.80 17.77
O29 WU2 C . -8.99 -7.58 21.77
O30 WU2 C . -11.46 -11.84 22.11
C16 WU2 D . 7.96 1.22 -16.02
C17 WU2 D . 6.75 0.55 -16.70
C18 WU2 D . 8.03 0.75 -14.55
C23 WU2 D . 3.33 4.37 -21.70
C22 WU2 D . 4.01 5.71 -21.37
C21 WU2 D . 4.87 5.97 -20.30
C20 WU2 D . 7.18 3.38 -17.18
C19 WU2 D . 9.24 0.83 -16.74
C14 WU2 D . 8.19 3.56 -14.98
C13 WU2 D . 8.02 4.97 -14.99
C15 WU2 D . 7.77 2.77 -16.06
C12 WU2 D . 6.21 8.95 -14.08
C11 WU2 D . 6.35 9.25 -15.57
C10 WU2 D . 7.79 9.24 -16.08
C01 WU2 D . 0.19 9.31 -24.41
C02 WU2 D . 5.34 4.99 -19.18
C03 WU2 D . 1.62 7.57 -28.00
C04 WU2 D . 7.01 4.77 -17.18
C05 WU2 D . 7.43 5.56 -16.12
C07 WU2 D . 8.32 7.83 -16.29
C08 WU2 D . 8.98 7.73 -17.66
C09 WU2 D . 10.41 7.13 -17.57
C27 WU2 D . 3.12 7.08 -23.31
C28 WU2 D . 3.43 6.38 -24.48
C30 WU2 D . 5.10 5.19 -25.74
C31 WU2 D . 2.68 6.63 -25.64
C32 WU2 D . 1.63 7.56 -25.62
C33 WU2 D . 1.34 8.27 -24.44
C36 WU2 D . 2.08 8.03 -23.28
N03 WU2 D . 6.40 5.51 -18.31
N24 WU2 D . 3.92 6.85 -22.07
N25 WU2 D . 4.68 7.80 -21.47
N26 WU2 D . 5.27 7.24 -20.37
O01 WU2 D . 4.87 3.90 -19.04
O06 WU2 D . 7.20 6.98 -16.23
O29 WU2 D . 4.49 5.43 -24.48
O30 WU2 D . 0.89 7.79 -26.81
#